data_3GNJ
#
_entry.id   3GNJ
#
_cell.length_a   43.167
_cell.length_b   66.341
_cell.length_c   70.163
_cell.angle_alpha   90.00
_cell.angle_beta   105.67
_cell.angle_gamma   90.00
#
_symmetry.space_group_name_H-M   'P 1 21 1'
#
loop_
_entity.id
_entity.type
_entity.pdbx_description
1 polymer 'Thioredoxin domain protein'
2 water water
#
_entity_poly.entity_id   1
_entity_poly.type   'polypeptide(L)'
_entity_poly.pdbx_seq_one_letter_code
;SNA(MSE)SLEKLDTNTFEQLIYDEGKACLV(MSE)FSRKNCHVCQKVTPVLEELRLNYEESFGFYYVDVEEEKTLFQRF
SLKGVPQILYFKDGEYKGK(MSE)AGDVEDDEVEQ(MSE)IADVLED
;
_entity_poly.pdbx_strand_id   A,B,C,D
#
# COMPACT_ATOMS: atom_id res chain seq x y z
N SER A 1 -4.89 22.30 23.00
CA SER A 1 -4.13 22.44 24.28
C SER A 1 -2.63 22.43 24.04
N ASN A 2 -2.26 22.49 22.74
CA ASN A 2 -1.00 21.96 22.31
C ASN A 2 -0.41 22.44 20.96
N ALA A 3 0.73 21.88 20.63
CA ALA A 3 1.64 22.42 19.66
C ALA A 3 1.57 21.54 18.44
N SER A 5 4.20 20.37 15.10
CA SER A 5 5.57 20.51 14.59
C SER A 5 5.70 20.13 13.11
N LEU A 6 4.60 20.21 12.35
CA LEU A 6 4.67 20.01 10.90
C LEU A 6 5.29 21.26 10.33
N GLU A 7 6.08 21.08 9.27
CA GLU A 7 6.64 22.13 8.47
C GLU A 7 5.53 22.95 7.81
N LYS A 8 5.54 24.25 8.10
CA LYS A 8 4.54 25.20 7.66
C LYS A 8 4.93 25.86 6.31
N LEU A 9 4.12 25.66 5.28
CA LEU A 9 4.40 26.17 3.94
C LEU A 9 3.73 27.53 3.62
N ASP A 10 4.42 28.41 2.91
CA ASP A 10 3.78 29.59 2.30
C ASP A 10 3.65 29.18 0.82
N THR A 11 3.04 30.01 0.01
CA THR A 11 2.79 29.70 -1.42
C THR A 11 4.08 29.33 -2.15
N ASN A 12 5.13 30.10 -1.91
CA ASN A 12 6.40 29.89 -2.53
C ASN A 12 7.07 28.56 -2.32
N THR A 13 7.19 28.19 -1.05
CA THR A 13 7.80 26.94 -0.71
C THR A 13 6.86 25.77 -1.13
N PHE A 14 5.54 26.01 -1.09
CA PHE A 14 4.57 25.01 -1.57
C PHE A 14 4.88 24.77 -3.05
N GLU A 15 4.93 25.85 -3.83
CA GLU A 15 5.32 25.73 -5.26
C GLU A 15 6.63 24.97 -5.54
N GLN A 16 7.71 25.39 -4.89
CA GLN A 16 9.01 24.69 -4.89
C GLN A 16 8.87 23.18 -4.64
N LEU A 17 8.25 22.82 -3.54
CA LEU A 17 8.22 21.41 -3.12
C LEU A 17 7.25 20.53 -3.91
N ILE A 18 6.03 21.01 -4.08
CA ILE A 18 5.00 20.19 -4.76
C ILE A 18 5.22 20.23 -6.29
N TYR A 19 5.42 21.42 -6.84
CA TYR A 19 5.66 21.54 -8.31
C TYR A 19 7.09 21.36 -8.79
N ASP A 20 8.03 22.08 -8.25
CA ASP A 20 9.39 22.04 -8.80
C ASP A 20 10.13 20.76 -8.47
N GLU A 21 9.95 20.28 -7.24
CA GLU A 21 10.64 19.06 -6.81
C GLU A 21 9.80 17.80 -6.99
N GLY A 22 8.49 17.99 -7.23
CA GLY A 22 7.50 16.91 -7.36
C GLY A 22 7.45 15.97 -6.15
N LYS A 23 7.63 16.56 -4.96
CA LYS A 23 7.72 15.79 -3.72
C LYS A 23 6.43 14.99 -3.50
N ALA A 24 6.61 13.74 -3.08
CA ALA A 24 5.51 12.89 -2.70
C ALA A 24 5.13 13.34 -1.30
N CYS A 25 3.93 13.90 -1.14
CA CYS A 25 3.57 14.46 0.17
C CYS A 25 2.07 14.62 0.40
N LEU A 26 1.73 14.97 1.64
CA LEU A 26 0.41 15.43 1.96
C LEU A 26 0.54 16.80 2.61
N VAL A 27 -0.50 17.60 2.46
CA VAL A 27 -0.56 18.94 2.94
C VAL A 27 -1.93 19.16 3.64
N PHE A 29 -4.47 21.56 4.98
CA PHE A 29 -4.92 22.98 4.91
C PHE A 29 -5.79 23.16 6.11
N SER A 30 -5.42 24.10 6.96
CA SER A 30 -6.06 24.14 8.24
C SER A 30 -6.10 25.56 8.80
N ARG A 31 -6.76 25.71 9.93
CA ARG A 31 -6.82 26.94 10.67
C ARG A 31 -6.21 26.58 11.98
N LYS A 32 -5.69 27.59 12.67
CA LYS A 32 -5.04 27.42 13.98
C LYS A 32 -5.98 26.91 15.06
N ASN A 33 -7.19 27.46 15.12
CA ASN A 33 -8.18 27.23 16.21
C ASN A 33 -9.18 26.12 16.00
N CYS A 34 -9.10 25.50 14.84
CA CYS A 34 -10.04 24.45 14.47
C CYS A 34 -9.92 23.21 15.38
N HIS A 35 -11.01 22.90 16.08
CA HIS A 35 -11.06 21.76 16.98
C HIS A 35 -10.72 20.43 16.31
N VAL A 36 -11.39 20.10 15.21
CA VAL A 36 -11.08 18.92 14.36
C VAL A 36 -9.64 18.92 13.81
N CYS A 37 -9.14 20.06 13.38
CA CYS A 37 -7.73 20.13 12.96
C CYS A 37 -6.83 19.69 14.13
N GLN A 38 -7.16 20.16 15.33
CA GLN A 38 -6.44 19.72 16.54
C GLN A 38 -6.45 18.20 16.82
N LYS A 39 -7.48 17.49 16.40
CA LYS A 39 -7.53 16.02 16.50
C LYS A 39 -6.72 15.34 15.38
N VAL A 40 -6.63 15.98 14.24
CA VAL A 40 -5.99 15.38 13.10
C VAL A 40 -4.47 15.60 13.15
N THR A 41 -4.05 16.70 13.75
CA THR A 41 -2.64 17.04 13.87
C THR A 41 -1.75 15.91 14.47
N PRO A 42 -2.16 15.34 15.61
CA PRO A 42 -1.34 14.31 16.23
C PRO A 42 -1.22 13.05 15.41
N VAL A 43 -2.25 12.76 14.64
CA VAL A 43 -2.28 11.57 13.82
C VAL A 43 -1.26 11.68 12.69
N LEU A 44 -1.15 12.88 12.10
CA LEU A 44 -0.18 13.16 11.06
C LEU A 44 1.23 13.25 11.58
N GLU A 45 1.41 13.85 12.77
CA GLU A 45 2.73 13.78 13.40
C GLU A 45 3.18 12.34 13.66
N GLU A 46 2.31 11.53 14.23
CA GLU A 46 2.68 10.12 14.44
C GLU A 46 3.05 9.40 13.12
N LEU A 47 2.25 9.60 12.05
CA LEU A 47 2.52 8.99 10.73
C LEU A 47 3.81 9.44 10.07
N ARG A 48 4.13 10.72 10.23
CA ARG A 48 5.35 11.28 9.68
C ARG A 48 6.56 10.45 10.11
N LEU A 49 6.53 9.94 11.35
CA LEU A 49 7.64 9.17 11.91
C LEU A 49 7.81 7.83 11.19
N ASN A 50 6.72 7.31 10.62
CA ASN A 50 6.78 6.03 9.88
C ASN A 50 7.34 6.14 8.48
N TYR A 51 7.27 7.32 7.90
CA TYR A 51 7.64 7.56 6.49
C TYR A 51 8.70 8.62 6.34
N GLU A 52 9.57 8.80 7.33
CA GLU A 52 10.40 10.02 7.44
C GLU A 52 10.75 10.66 6.07
N GLU A 53 11.81 10.21 5.39
CA GLU A 53 12.19 10.89 4.15
C GLU A 53 11.36 10.50 2.91
N SER A 54 10.83 9.26 2.88
CA SER A 54 9.93 8.80 1.78
C SER A 54 8.63 9.61 1.45
N PHE A 55 8.10 10.41 2.39
CA PHE A 55 6.84 11.12 2.13
C PHE A 55 6.73 12.36 3.01
N GLY A 56 6.40 13.52 2.44
CA GLY A 56 6.34 14.77 3.23
C GLY A 56 5.00 14.99 3.89
N PHE A 57 5.01 15.70 4.99
CA PHE A 57 3.83 15.95 5.82
C PHE A 57 3.88 17.44 6.12
N TYR A 58 3.09 18.23 5.36
CA TYR A 58 3.13 19.68 5.51
C TYR A 58 1.83 20.30 6.01
N TYR A 59 1.90 21.60 6.33
CA TYR A 59 0.77 22.36 6.87
C TYR A 59 0.71 23.69 6.18
N VAL A 60 -0.47 24.06 5.71
CA VAL A 60 -0.78 25.42 5.26
C VAL A 60 -1.89 26.02 6.12
N ASP A 61 -1.60 27.19 6.70
CA ASP A 61 -2.54 27.98 7.43
C ASP A 61 -3.36 28.74 6.40
N VAL A 62 -4.65 28.41 6.31
CA VAL A 62 -5.48 28.95 5.23
C VAL A 62 -5.82 30.44 5.45
N GLU A 63 -5.71 30.92 6.69
CA GLU A 63 -5.91 32.32 7.00
C GLU A 63 -4.73 33.16 6.54
N GLU A 64 -3.52 32.61 6.61
CA GLU A 64 -2.36 33.29 6.03
C GLU A 64 -2.20 33.04 4.54
N GLU A 65 -2.56 31.85 4.06
CA GLU A 65 -2.25 31.52 2.66
C GLU A 65 -3.54 31.36 1.85
N LYS A 66 -4.31 32.45 1.78
N LYS A 66 -4.31 32.46 1.81
CA LYS A 66 -5.64 32.45 1.19
CA LYS A 66 -5.63 32.53 1.20
C LYS A 66 -5.63 32.10 -0.30
C LYS A 66 -5.64 32.15 -0.28
N THR A 67 -4.63 32.63 -1.03
CA THR A 67 -4.45 32.29 -2.44
C THR A 67 -4.37 30.78 -2.70
N LEU A 68 -3.50 30.09 -1.95
CA LEU A 68 -3.37 28.62 -2.05
C LEU A 68 -4.66 27.89 -1.71
N PHE A 69 -5.30 28.29 -0.62
CA PHE A 69 -6.61 27.77 -0.22
C PHE A 69 -7.61 27.82 -1.40
N GLN A 70 -7.70 28.98 -2.01
CA GLN A 70 -8.59 29.21 -3.14
C GLN A 70 -8.15 28.60 -4.48
N ARG A 71 -6.84 28.53 -4.74
CA ARG A 71 -6.31 27.72 -5.87
C ARG A 71 -7.01 26.36 -5.87
N PHE A 72 -7.14 25.73 -4.69
CA PHE A 72 -7.74 24.41 -4.69
C PHE A 72 -9.25 24.35 -4.60
N SER A 73 -9.86 25.51 -4.68
CA SER A 73 -11.31 25.64 -4.57
C SER A 73 -11.85 24.96 -3.31
N LEU A 74 -11.13 25.10 -2.21
CA LEU A 74 -11.53 24.37 -0.99
C LEU A 74 -12.60 25.18 -0.22
N LYS A 75 -13.54 24.51 0.42
CA LYS A 75 -14.63 25.23 1.07
C LYS A 75 -14.90 24.76 2.50
N GLY A 76 -13.84 24.46 3.23
CA GLY A 76 -13.97 23.96 4.59
C GLY A 76 -12.58 23.55 5.02
N VAL A 77 -12.46 23.27 6.31
CA VAL A 77 -11.20 22.98 6.96
C VAL A 77 -11.54 21.99 8.05
N PRO A 78 -10.64 21.05 8.41
CA PRO A 78 -9.38 20.71 7.75
C PRO A 78 -9.55 19.86 6.49
N GLN A 79 -8.64 20.02 5.55
CA GLN A 79 -8.58 19.13 4.40
C GLN A 79 -7.15 18.68 4.15
N ILE A 80 -6.96 17.42 3.77
CA ILE A 80 -5.60 16.96 3.46
C ILE A 80 -5.51 16.63 1.99
N LEU A 81 -4.56 17.28 1.32
CA LEU A 81 -4.39 17.12 -0.15
C LEU A 81 -3.07 16.38 -0.39
N TYR A 82 -3.11 15.46 -1.37
CA TYR A 82 -2.00 14.59 -1.66
C TYR A 82 -1.46 14.91 -3.04
N PHE A 83 -0.13 14.89 -3.12
CA PHE A 83 0.63 15.25 -4.31
C PHE A 83 1.74 14.24 -4.51
N LYS A 84 2.01 13.90 -5.78
CA LYS A 84 3.30 13.34 -6.13
C LYS A 84 3.66 13.76 -7.56
N ASP A 85 4.96 13.92 -7.84
CA ASP A 85 5.40 14.28 -9.20
C ASP A 85 4.65 15.52 -9.78
N GLY A 86 4.32 16.45 -8.89
CA GLY A 86 3.65 17.71 -9.25
C GLY A 86 2.16 17.55 -9.57
N GLU A 87 1.62 16.32 -9.48
CA GLU A 87 0.19 16.13 -9.71
C GLU A 87 -0.56 16.11 -8.39
N TYR A 88 -1.79 16.61 -8.44
CA TYR A 88 -2.76 16.58 -7.37
C TYR A 88 -3.45 15.24 -7.49
N LYS A 89 -3.20 14.39 -6.51
CA LYS A 89 -3.50 12.96 -6.55
C LYS A 89 -4.71 12.59 -5.71
N GLY A 90 -5.09 13.45 -4.76
CA GLY A 90 -6.23 13.06 -3.91
C GLY A 90 -6.44 14.01 -2.77
N LYS A 91 -7.62 13.90 -2.14
CA LYS A 91 -7.98 14.77 -1.05
C LYS A 91 -8.97 14.11 -0.06
N ALA A 93 -11.18 15.01 3.82
CA ALA A 93 -11.65 16.15 4.57
C ALA A 93 -12.02 15.72 5.96
N GLY A 94 -11.84 16.62 6.94
CA GLY A 94 -12.41 16.38 8.26
C GLY A 94 -11.56 15.47 9.13
N ASP A 95 -12.21 14.83 10.09
CA ASP A 95 -11.56 14.03 11.13
C ASP A 95 -11.13 12.70 10.51
N VAL A 96 -9.97 12.68 9.87
CA VAL A 96 -9.48 11.43 9.27
C VAL A 96 -8.92 10.46 10.31
N GLU A 97 -8.99 9.18 9.97
CA GLU A 97 -8.43 8.08 10.73
C GLU A 97 -7.11 7.70 10.10
N ASP A 98 -6.15 7.20 10.89
CA ASP A 98 -4.84 6.88 10.30
C ASP A 98 -4.87 5.84 9.17
N ASP A 99 -5.70 4.82 9.32
CA ASP A 99 -6.00 3.84 8.27
C ASP A 99 -6.22 4.51 6.89
N GLU A 100 -7.17 5.45 6.85
CA GLU A 100 -7.46 6.24 5.66
C GLU A 100 -6.27 6.99 5.09
N VAL A 101 -5.55 7.72 5.94
CA VAL A 101 -4.37 8.44 5.48
C VAL A 101 -3.26 7.50 4.99
N GLU A 102 -3.03 6.41 5.74
CA GLU A 102 -2.05 5.43 5.35
C GLU A 102 -2.36 4.80 3.99
N GLN A 103 -3.61 4.45 3.74
CA GLN A 103 -3.94 3.84 2.45
C GLN A 103 -3.69 4.82 1.30
N ILE A 105 -1.51 7.33 1.27
CA ILE A 105 -0.06 7.44 1.11
C ILE A 105 0.43 6.30 0.18
N ALA A 106 -0.05 5.09 0.45
CA ALA A 106 0.37 3.91 -0.31
C ALA A 106 -0.14 3.96 -1.75
N ASP A 107 -1.40 4.38 -1.92
CA ASP A 107 -1.95 4.57 -3.26
C ASP A 107 -1.08 5.57 -4.00
N VAL A 108 -0.71 6.66 -3.32
CA VAL A 108 0.05 7.75 -3.95
C VAL A 108 1.47 7.29 -4.35
N LEU A 109 2.16 6.58 -3.46
CA LEU A 109 3.52 6.14 -3.69
C LEU A 109 3.62 5.14 -4.82
N GLU A 110 2.48 4.55 -5.18
CA GLU A 110 2.46 3.42 -6.10
C GLU A 110 2.19 3.84 -7.54
N ASP A 111 1.25 4.79 -7.69
CA ASP A 111 0.53 5.06 -8.96
C ASP A 111 0.77 4.03 -10.08
N ALA B 3 -18.97 10.33 -25.26
CA ALA B 3 -19.44 10.28 -26.67
C ALA B 3 -20.83 9.68 -26.76
N SER B 5 -23.27 8.13 -23.34
CA SER B 5 -23.91 8.52 -22.10
C SER B 5 -23.07 9.53 -21.31
N LEU B 6 -21.76 9.67 -21.61
CA LEU B 6 -20.91 10.49 -20.75
C LEU B 6 -21.33 11.94 -20.81
N GLU B 7 -21.77 12.44 -19.67
CA GLU B 7 -22.29 13.80 -19.61
C GLU B 7 -21.11 14.73 -19.49
N LYS B 8 -21.11 15.75 -20.33
CA LYS B 8 -20.11 16.78 -20.29
C LYS B 8 -20.36 17.76 -19.16
N LEU B 9 -19.33 18.08 -18.39
CA LEU B 9 -19.48 19.10 -17.35
C LEU B 9 -18.65 20.29 -17.71
N ASP B 10 -19.20 21.49 -17.45
CA ASP B 10 -18.37 22.67 -17.32
C ASP B 10 -17.96 22.81 -15.86
N THR B 11 -17.10 23.80 -15.62
CA THR B 11 -16.53 24.03 -14.29
C THR B 11 -17.66 24.22 -13.27
N ASN B 12 -18.63 25.06 -13.63
CA ASN B 12 -19.76 25.35 -12.77
C ASN B 12 -20.51 24.10 -12.30
N THR B 13 -20.92 23.26 -13.24
CA THR B 13 -21.59 21.98 -12.92
C THR B 13 -20.70 20.95 -12.20
N PHE B 14 -19.44 20.83 -12.59
CA PHE B 14 -18.47 20.01 -11.86
C PHE B 14 -18.41 20.37 -10.36
N GLU B 15 -18.34 21.66 -10.08
CA GLU B 15 -18.35 22.08 -8.67
C GLU B 15 -19.68 21.81 -7.98
N GLN B 16 -20.77 22.02 -8.69
CA GLN B 16 -22.07 21.84 -8.06
C GLN B 16 -22.31 20.39 -7.70
N LEU B 17 -21.95 19.49 -8.62
CA LEU B 17 -22.20 18.06 -8.39
C LEU B 17 -21.27 17.50 -7.35
N ILE B 18 -19.98 17.75 -7.52
CA ILE B 18 -18.96 17.06 -6.72
C ILE B 18 -18.78 17.66 -5.31
N TYR B 19 -18.79 18.99 -5.26
CA TYR B 19 -18.48 19.72 -4.04
C TYR B 19 -19.76 20.15 -3.26
N ASP B 20 -20.73 20.76 -3.95
CA ASP B 20 -21.93 21.23 -3.29
C ASP B 20 -22.91 20.10 -2.92
N GLU B 21 -22.90 19.03 -3.71
CA GLU B 21 -23.85 17.93 -3.58
CA GLU B 21 -23.84 17.92 -3.52
C GLU B 21 -23.15 16.58 -3.23
N GLY B 22 -21.82 16.56 -3.29
CA GLY B 22 -21.07 15.36 -2.88
C GLY B 22 -21.23 14.10 -3.74
N LYS B 23 -21.57 14.28 -5.02
CA LYS B 23 -21.87 13.18 -5.94
C LYS B 23 -20.73 12.17 -6.00
N ALA B 24 -21.09 10.89 -5.97
CA ALA B 24 -20.17 9.80 -6.26
C ALA B 24 -20.08 9.61 -7.77
N CYS B 25 -18.88 9.83 -8.33
CA CYS B 25 -18.76 9.74 -9.79
C CYS B 25 -17.32 9.56 -10.21
N LEU B 26 -17.12 9.33 -11.51
CA LEU B 26 -15.83 9.45 -12.12
C LEU B 26 -15.90 10.55 -13.16
N VAL B 27 -14.79 11.23 -13.36
CA VAL B 27 -14.75 12.25 -14.41
C VAL B 27 -13.54 12.02 -15.30
N PHE B 29 -11.08 13.35 -17.98
CA PHE B 29 -10.58 14.63 -18.51
C PHE B 29 -10.03 14.34 -19.89
N SER B 30 -10.50 15.02 -20.90
CA SER B 30 -10.24 14.58 -22.25
C SER B 30 -10.07 15.74 -23.19
N ARG B 31 -9.77 15.42 -24.45
CA ARG B 31 -9.50 16.41 -25.45
C ARG B 31 -10.00 15.85 -26.80
N LYS B 32 -10.32 16.74 -27.72
CA LYS B 32 -10.77 16.34 -29.05
C LYS B 32 -9.61 15.76 -29.84
N ASN B 33 -9.94 14.86 -30.76
CA ASN B 33 -8.99 14.22 -31.69
C ASN B 33 -7.86 13.54 -30.95
N CYS B 34 -8.25 12.78 -29.94
CA CYS B 34 -7.32 12.09 -29.06
C CYS B 34 -7.52 10.58 -29.22
N HIS B 35 -6.53 9.91 -29.79
CA HIS B 35 -6.60 8.48 -30.05
CA HIS B 35 -6.69 8.49 -30.06
C HIS B 35 -6.86 7.65 -28.77
N VAL B 36 -6.12 7.97 -27.70
CA VAL B 36 -6.25 7.26 -26.44
C VAL B 36 -7.63 7.53 -25.77
N CYS B 37 -8.09 8.78 -25.78
CA CYS B 37 -9.46 9.11 -25.39
C CYS B 37 -10.53 8.27 -26.13
N GLN B 38 -10.36 8.09 -27.43
CA GLN B 38 -11.28 7.29 -28.22
C GLN B 38 -11.35 5.84 -27.77
N LYS B 39 -10.27 5.35 -27.16
CA LYS B 39 -10.22 3.97 -26.67
C LYS B 39 -10.83 3.91 -25.26
N VAL B 40 -10.69 4.97 -24.50
CA VAL B 40 -11.14 4.97 -23.11
C VAL B 40 -12.66 5.19 -22.99
N THR B 41 -13.18 6.08 -23.80
CA THR B 41 -14.61 6.38 -23.79
C THR B 41 -15.53 5.12 -23.89
N PRO B 42 -15.29 4.24 -24.88
CA PRO B 42 -16.13 3.03 -24.95
C PRO B 42 -16.01 2.09 -23.76
N VAL B 43 -14.86 2.03 -23.11
CA VAL B 43 -14.73 1.26 -21.89
C VAL B 43 -15.73 1.84 -20.86
N LEU B 44 -15.69 3.16 -20.63
CA LEU B 44 -16.66 3.80 -19.69
C LEU B 44 -18.13 3.66 -20.12
N GLU B 45 -18.42 3.79 -21.41
CA GLU B 45 -19.81 3.71 -21.82
C GLU B 45 -20.41 2.32 -21.55
N GLU B 46 -19.64 1.26 -21.81
CA GLU B 46 -20.02 -0.13 -21.53
C GLU B 46 -20.23 -0.43 -20.04
N LEU B 47 -19.32 0.07 -19.21
CA LEU B 47 -19.40 0.00 -17.75
C LEU B 47 -20.63 0.71 -17.16
N ARG B 48 -20.92 1.88 -17.69
CA ARG B 48 -22.01 2.73 -17.23
C ARG B 48 -23.30 1.93 -17.06
N LEU B 49 -23.60 1.10 -18.06
CA LEU B 49 -24.74 0.20 -18.00
C LEU B 49 -24.86 -0.58 -16.67
N ASN B 50 -23.71 -0.92 -16.06
CA ASN B 50 -23.74 -1.69 -14.81
C ASN B 50 -24.06 -0.87 -13.52
N TYR B 51 -24.16 0.46 -13.61
CA TYR B 51 -24.42 1.28 -12.43
C TYR B 51 -25.68 2.15 -12.55
N GLU B 52 -26.33 2.33 -11.40
CA GLU B 52 -27.44 3.26 -11.23
C GLU B 52 -26.98 4.69 -11.41
N GLU B 53 -27.92 5.58 -11.73
CA GLU B 53 -27.59 6.98 -12.04
C GLU B 53 -26.97 7.73 -10.86
N SER B 54 -27.13 7.17 -9.65
CA SER B 54 -26.50 7.70 -8.44
C SER B 54 -24.97 7.78 -8.55
N PHE B 55 -24.38 6.93 -9.40
CA PHE B 55 -22.95 7.02 -9.70
C PHE B 55 -22.76 7.66 -11.06
N GLY B 56 -22.20 8.86 -11.06
CA GLY B 56 -21.98 9.61 -12.26
C GLY B 56 -20.81 9.12 -13.09
N PHE B 57 -20.99 9.22 -14.42
CA PHE B 57 -19.94 9.00 -15.40
C PHE B 57 -19.93 10.26 -16.24
N TYR B 58 -18.89 11.06 -16.06
CA TYR B 58 -18.85 12.42 -16.62
C TYR B 58 -17.61 12.63 -17.45
N TYR B 59 -17.62 13.65 -18.31
CA TYR B 59 -16.38 14.09 -18.92
C TYR B 59 -16.20 15.59 -18.96
N VAL B 60 -14.94 15.99 -19.04
CA VAL B 60 -14.57 17.37 -19.12
C VAL B 60 -13.60 17.50 -20.29
N ASP B 61 -13.85 18.51 -21.12
CA ASP B 61 -12.94 18.86 -22.20
C ASP B 61 -11.90 19.87 -21.66
N VAL B 62 -10.64 19.46 -21.66
CA VAL B 62 -9.58 20.26 -21.05
C VAL B 62 -9.32 21.60 -21.76
N GLU B 63 -9.75 21.69 -23.03
CA GLU B 63 -9.59 22.93 -23.79
C GLU B 63 -10.66 23.93 -23.41
N GLU B 64 -11.86 23.45 -23.13
CA GLU B 64 -12.93 24.29 -22.64
C GLU B 64 -12.85 24.57 -21.13
N GLU B 65 -12.43 23.60 -20.34
CA GLU B 65 -12.36 23.81 -18.89
C GLU B 65 -10.90 23.90 -18.39
N LYS B 66 -10.18 24.86 -18.96
CA LYS B 66 -8.73 25.03 -18.81
C LYS B 66 -8.28 25.19 -17.37
N THR B 67 -8.98 26.09 -16.68
CA THR B 67 -8.69 26.42 -15.30
C THR B 67 -8.95 25.20 -14.40
N LEU B 68 -10.05 24.51 -14.62
CA LEU B 68 -10.34 23.27 -13.89
C LEU B 68 -9.25 22.24 -14.08
N PHE B 69 -8.87 22.04 -15.33
CA PHE B 69 -7.88 21.02 -15.64
C PHE B 69 -6.56 21.36 -14.96
N GLN B 70 -6.13 22.61 -15.08
CA GLN B 70 -4.91 23.12 -14.41
C GLN B 70 -4.86 22.98 -12.89
N ARG B 71 -6.02 22.99 -12.26
CA ARG B 71 -6.12 22.88 -10.82
C ARG B 71 -5.42 21.58 -10.31
N PHE B 72 -5.57 20.50 -11.08
CA PHE B 72 -5.11 19.19 -10.69
C PHE B 72 -3.70 18.90 -11.17
N SER B 73 -3.10 19.89 -11.82
CA SER B 73 -1.77 19.76 -12.48
C SER B 73 -1.47 18.36 -13.04
N LEU B 74 -2.40 17.86 -13.84
CA LEU B 74 -2.28 16.56 -14.47
C LEU B 74 -1.28 16.60 -15.65
N LYS B 75 -0.45 15.55 -15.76
CA LYS B 75 0.49 15.43 -16.88
C LYS B 75 -0.10 14.48 -17.91
N GLY B 76 -0.68 15.03 -18.98
CA GLY B 76 -1.17 14.20 -20.09
C GLY B 76 -2.65 13.90 -20.03
N VAL B 77 -3.25 13.74 -21.20
CA VAL B 77 -4.63 13.23 -21.29
C VAL B 77 -4.68 11.91 -22.05
N PRO B 78 -5.70 11.06 -21.77
CA PRO B 78 -6.79 11.20 -20.78
C PRO B 78 -6.39 10.89 -19.34
N GLN B 79 -7.16 11.45 -18.39
CA GLN B 79 -7.13 11.04 -16.99
C GLN B 79 -8.56 10.88 -16.51
N ILE B 80 -8.78 9.89 -15.67
CA ILE B 80 -10.08 9.71 -15.00
CA ILE B 80 -10.07 9.84 -15.02
C ILE B 80 -9.89 9.95 -13.51
N LEU B 81 -10.66 10.85 -12.93
CA LEU B 81 -10.59 11.19 -11.51
C LEU B 81 -11.91 10.73 -10.87
N TYR B 82 -11.81 10.24 -9.64
CA TYR B 82 -12.93 9.68 -8.92
C TYR B 82 -13.26 10.51 -7.69
N PHE B 83 -14.56 10.73 -7.45
CA PHE B 83 -15.05 11.56 -6.35
C PHE B 83 -16.20 10.90 -5.58
N LYS B 84 -16.36 11.33 -4.33
CA LYS B 84 -17.52 10.96 -3.47
C LYS B 84 -17.54 11.83 -2.21
N ASP B 85 -18.74 12.26 -1.81
CA ASP B 85 -18.91 13.06 -0.58
C ASP B 85 -17.99 14.28 -0.55
N GLY B 86 -17.62 14.78 -1.74
CA GLY B 86 -16.74 15.91 -1.85
C GLY B 86 -15.26 15.52 -1.69
N GLU B 87 -14.94 14.24 -1.49
CA GLU B 87 -13.53 13.86 -1.47
C GLU B 87 -13.02 13.45 -2.88
N TYR B 88 -11.73 13.67 -3.13
CA TYR B 88 -11.11 13.31 -4.38
C TYR B 88 -10.33 12.05 -4.04
N LYS B 89 -10.83 10.93 -4.56
CA LYS B 89 -10.44 9.59 -4.12
C LYS B 89 -9.20 9.09 -4.86
N GLY B 90 -8.93 9.69 -6.01
CA GLY B 90 -7.76 9.33 -6.78
C GLY B 90 -8.04 9.36 -8.27
N LYS B 91 -7.06 8.92 -9.07
CA LYS B 91 -7.14 9.00 -10.51
C LYS B 91 -6.39 7.86 -11.20
N ALA B 93 -4.50 7.31 -15.36
CA ALA B 93 -4.10 8.14 -16.50
C ALA B 93 -3.85 7.30 -17.76
N GLY B 94 -4.19 7.85 -18.93
CA GLY B 94 -3.92 7.14 -20.20
C GLY B 94 -4.90 5.98 -20.39
N ASP B 95 -4.55 5.04 -21.25
CA ASP B 95 -5.43 3.90 -21.56
C ASP B 95 -5.77 3.06 -20.31
N VAL B 96 -7.05 2.74 -20.12
CA VAL B 96 -7.43 1.90 -18.98
C VAL B 96 -8.20 0.67 -19.39
N GLU B 97 -8.05 -0.40 -18.64
CA GLU B 97 -8.86 -1.58 -18.81
C GLU B 97 -10.07 -1.49 -17.92
N ASP B 98 -11.12 -2.20 -18.29
CA ASP B 98 -12.40 -2.18 -17.57
C ASP B 98 -12.33 -2.68 -16.13
N ASP B 99 -11.44 -3.63 -15.85
CA ASP B 99 -11.33 -4.15 -14.49
C ASP B 99 -10.71 -3.14 -13.53
N GLU B 100 -9.79 -2.30 -14.03
CA GLU B 100 -9.23 -1.19 -13.22
C GLU B 100 -10.33 -0.21 -12.83
N VAL B 101 -11.14 0.21 -13.80
CA VAL B 101 -12.24 1.12 -13.51
C VAL B 101 -13.21 0.47 -12.53
N GLU B 102 -13.74 -0.72 -12.86
CA GLU B 102 -14.66 -1.44 -11.95
C GLU B 102 -14.17 -1.51 -10.49
N GLN B 103 -12.94 -1.98 -10.29
CA GLN B 103 -12.32 -2.04 -8.96
C GLN B 103 -12.23 -0.66 -8.29
N ILE B 105 -14.21 1.81 -8.81
CA ILE B 105 -15.58 2.21 -8.50
C ILE B 105 -16.03 1.55 -7.21
N ALA B 106 -15.74 0.26 -7.07
CA ALA B 106 -16.07 -0.48 -5.84
C ALA B 106 -15.37 0.11 -4.61
N ASP B 107 -14.11 0.49 -4.73
CA ASP B 107 -13.39 1.05 -3.58
C ASP B 107 -13.98 2.40 -3.22
N VAL B 108 -14.33 3.20 -4.23
CA VAL B 108 -14.94 4.50 -3.98
C VAL B 108 -16.29 4.32 -3.21
N LEU B 109 -17.09 3.37 -3.64
CA LEU B 109 -18.44 3.19 -3.10
C LEU B 109 -18.55 2.56 -1.72
N GLU B 110 -17.45 2.04 -1.17
CA GLU B 110 -17.52 1.26 0.06
C GLU B 110 -17.32 2.10 1.32
N SER C 1 10.80 -8.01 34.64
CA SER C 1 11.63 -7.37 35.64
C SER C 1 13.04 -7.61 35.24
N ASN C 2 13.18 -7.86 33.96
CA ASN C 2 14.31 -8.48 33.32
C ASN C 2 15.04 -7.79 32.15
N ALA C 3 16.18 -8.37 31.83
CA ALA C 3 17.11 -7.84 30.90
C ALA C 3 17.06 -8.76 29.69
N SER C 5 19.60 -9.77 26.24
CA SER C 5 20.94 -9.59 25.71
C SER C 5 21.02 -9.89 24.20
N LEU C 6 19.87 -9.80 23.52
CA LEU C 6 19.89 -9.95 22.06
C LEU C 6 20.54 -8.68 21.47
N GLU C 7 21.33 -8.89 20.45
CA GLU C 7 21.94 -7.81 19.66
C GLU C 7 20.90 -6.88 18.99
N LYS C 8 20.97 -5.62 19.35
CA LYS C 8 20.00 -4.60 19.00
C LYS C 8 20.35 -3.92 17.66
N LEU C 9 19.46 -4.01 16.68
CA LEU C 9 19.70 -3.44 15.33
C LEU C 9 18.98 -2.12 15.11
N ASP C 10 19.63 -1.17 14.44
CA ASP C 10 18.96 -0.01 13.86
C ASP C 10 18.76 -0.29 12.37
N THR C 11 18.11 0.63 11.64
CA THR C 11 17.82 0.39 10.21
C THR C 11 19.09 0.17 9.39
N ASN C 12 20.11 0.98 9.62
CA ASN C 12 21.35 0.81 8.89
CA ASN C 12 21.40 0.84 8.94
C ASN C 12 22.04 -0.54 9.14
N THR C 13 22.17 -0.98 10.40
CA THR C 13 22.84 -2.27 10.63
C THR C 13 21.97 -3.47 10.22
N PHE C 14 20.65 -3.27 10.27
CA PHE C 14 19.70 -4.26 9.71
C PHE C 14 19.96 -4.45 8.23
N GLU C 15 19.99 -3.34 7.50
CA GLU C 15 20.30 -3.39 6.05
C GLU C 15 21.65 -4.07 5.81
N GLN C 16 22.63 -3.68 6.60
CA GLN C 16 23.98 -4.22 6.49
C GLN C 16 24.03 -5.74 6.64
N LEU C 17 23.42 -6.24 7.70
CA LEU C 17 23.50 -7.65 7.99
C LEU C 17 22.53 -8.48 7.16
N ILE C 18 21.30 -8.00 6.98
CA ILE C 18 20.29 -8.74 6.22
C ILE C 18 20.50 -8.66 4.73
N TYR C 19 20.82 -7.47 4.21
CA TYR C 19 20.89 -7.33 2.79
C TYR C 19 22.33 -7.38 2.29
N ASP C 20 23.23 -6.59 2.89
CA ASP C 20 24.63 -6.58 2.44
C ASP C 20 25.30 -7.93 2.65
N GLU C 21 25.30 -8.40 3.90
CA GLU C 21 25.90 -9.69 4.24
C GLU C 21 25.02 -10.90 4.01
N GLY C 22 23.71 -10.69 3.90
CA GLY C 22 22.77 -11.79 3.58
C GLY C 22 22.73 -12.80 4.71
N LYS C 23 22.87 -12.32 5.94
CA LYS C 23 22.94 -13.23 7.12
C LYS C 23 21.72 -14.09 7.23
N ALA C 24 21.95 -15.33 7.59
CA ALA C 24 20.92 -16.24 8.01
C ALA C 24 20.59 -15.87 9.46
N CYS C 25 19.38 -15.38 9.68
CA CYS C 25 19.02 -14.86 11.01
C CYS C 25 17.54 -14.75 11.30
N LEU C 26 17.22 -14.47 12.54
CA LEU C 26 15.92 -14.02 12.83
C LEU C 26 16.01 -12.68 13.49
N VAL C 27 14.92 -11.92 13.35
CA VAL C 27 14.82 -10.62 13.91
C VAL C 27 13.50 -10.41 14.66
N PHE C 29 10.96 -8.13 16.16
CA PHE C 29 10.43 -6.77 16.17
C PHE C 29 9.53 -6.69 17.38
N SER C 30 9.88 -5.83 18.32
CA SER C 30 9.01 -5.67 19.51
C SER C 30 9.21 -4.33 20.12
N ARG C 31 8.54 -4.08 21.24
CA ARG C 31 8.87 -2.94 22.07
C ARG C 31 9.25 -3.51 23.41
N LYS C 32 9.96 -2.70 24.18
CA LYS C 32 10.54 -3.09 25.48
C LYS C 32 9.49 -3.54 26.49
N ASN C 33 8.31 -2.94 26.40
CA ASN C 33 7.28 -3.11 27.42
C ASN C 33 6.34 -4.26 27.31
N CYS C 34 6.53 -5.09 26.31
CA CYS C 34 5.49 -6.02 25.91
C CYS C 34 5.60 -7.31 26.74
N HIS C 35 4.52 -7.68 27.41
CA HIS C 35 4.50 -8.91 28.24
C HIS C 35 4.74 -10.17 27.42
N VAL C 36 4.02 -10.28 26.30
CA VAL C 36 4.18 -11.41 25.38
C VAL C 36 5.61 -11.43 24.88
N CYS C 37 6.13 -10.27 24.45
CA CYS C 37 7.55 -10.16 24.09
C CYS C 37 8.49 -10.70 25.18
N GLN C 38 8.17 -10.45 26.43
CA GLN C 38 9.02 -10.90 27.52
C GLN C 38 8.98 -12.43 27.78
N LYS C 39 7.93 -13.09 27.34
CA LYS C 39 7.94 -14.55 27.36
C LYS C 39 8.79 -15.10 26.20
N VAL C 40 8.82 -14.40 25.08
CA VAL C 40 9.49 -14.88 23.87
C VAL C 40 11.02 -14.71 23.93
N THR C 41 11.46 -13.67 24.63
CA THR C 41 12.87 -13.33 24.68
C THR C 41 13.81 -14.47 25.19
N PRO C 42 13.48 -15.10 26.33
CA PRO C 42 14.30 -16.18 26.87
C PRO C 42 14.33 -17.42 25.98
N VAL C 43 13.33 -17.55 25.12
CA VAL C 43 13.28 -18.70 24.25
C VAL C 43 14.33 -18.48 23.15
N LEU C 44 14.42 -17.23 22.68
CA LEU C 44 15.39 -16.84 21.68
C LEU C 44 16.84 -16.88 22.22
N GLU C 45 17.07 -16.38 23.43
CA GLU C 45 18.39 -16.47 24.06
C GLU C 45 18.82 -17.95 24.30
N GLU C 46 17.87 -18.76 24.69
CA GLU C 46 18.20 -20.17 24.92
C GLU C 46 18.65 -20.78 23.60
N LEU C 47 17.91 -20.51 22.53
CA LEU C 47 18.19 -21.12 21.23
C LEU C 47 19.48 -20.63 20.58
N ARG C 48 19.82 -19.39 20.89
CA ARG C 48 21.02 -18.73 20.39
C ARG C 48 22.25 -19.51 20.83
N LEU C 49 22.20 -20.03 22.05
CA LEU C 49 23.30 -20.83 22.57
C LEU C 49 23.71 -21.96 21.59
N ASN C 50 22.72 -22.56 20.94
CA ASN C 50 22.94 -23.70 20.03
C ASN C 50 23.42 -23.23 18.66
N TYR C 51 22.79 -22.17 18.17
CA TYR C 51 22.91 -21.75 16.77
C TYR C 51 23.88 -20.60 16.58
N GLU C 52 24.56 -20.26 17.68
CA GLU C 52 25.47 -19.11 17.78
C GLU C 52 26.15 -18.78 16.44
N GLU C 53 26.93 -19.74 15.96
CA GLU C 53 27.81 -19.58 14.81
C GLU C 53 27.14 -19.75 13.44
N SER C 54 25.88 -20.17 13.40
CA SER C 54 25.25 -20.49 12.14
C SER C 54 24.03 -19.62 11.87
N PHE C 55 23.55 -18.92 12.88
CA PHE C 55 22.29 -18.17 12.77
C PHE C 55 22.29 -16.99 13.71
N GLY C 56 21.98 -15.80 13.17
CA GLY C 56 21.79 -14.56 13.97
C GLY C 56 20.45 -14.43 14.71
N PHE C 57 20.50 -13.87 15.92
CA PHE C 57 19.32 -13.65 16.73
C PHE C 57 19.28 -12.19 17.09
N TYR C 58 18.46 -11.41 16.37
CA TYR C 58 18.55 -9.94 16.47
C TYR C 58 17.27 -9.41 17.02
N TYR C 59 17.33 -8.14 17.47
CA TYR C 59 16.21 -7.42 18.04
C TYR C 59 16.09 -6.01 17.44
N VAL C 60 14.90 -5.66 16.98
CA VAL C 60 14.57 -4.30 16.57
C VAL C 60 13.45 -3.73 17.47
N ASP C 61 13.75 -2.66 18.15
CA ASP C 61 12.79 -1.89 18.93
C ASP C 61 11.96 -1.08 17.90
N VAL C 62 10.67 -1.44 17.78
CA VAL C 62 9.81 -0.83 16.75
C VAL C 62 9.43 0.61 17.06
N GLU C 63 9.66 1.03 18.31
CA GLU C 63 9.40 2.41 18.72
C GLU C 63 10.55 3.34 18.34
N GLU C 64 11.73 2.79 18.14
CA GLU C 64 12.86 3.57 17.66
C GLU C 64 12.99 3.42 16.16
N GLU C 65 12.63 2.26 15.63
CA GLU C 65 12.87 1.99 14.22
C GLU C 65 11.57 1.93 13.44
N LYS C 66 10.82 3.03 13.54
CA LYS C 66 9.46 3.12 12.97
C LYS C 66 9.45 2.89 11.46
N THR C 67 10.44 3.41 10.73
CA THR C 67 10.41 3.26 9.26
C THR C 67 10.59 1.80 8.87
N LEU C 68 11.48 1.11 9.56
CA LEU C 68 11.73 -0.28 9.27
C LEU C 68 10.50 -1.18 9.58
N PHE C 69 9.81 -0.89 10.69
CA PHE C 69 8.56 -1.53 11.04
C PHE C 69 7.53 -1.34 9.93
N GLN C 70 7.47 -0.12 9.43
CA GLN C 70 6.47 0.26 8.45
C GLN C 70 6.72 -0.46 7.12
N ARG C 71 8.01 -0.56 6.77
CA ARG C 71 8.50 -1.12 5.51
C ARG C 71 8.12 -2.57 5.39
N PHE C 72 8.03 -3.25 6.53
CA PHE C 72 7.58 -4.63 6.54
C PHE C 72 6.08 -4.76 6.69
N SER C 73 5.37 -3.64 6.80
CA SER C 73 3.92 -3.71 6.85
C SER C 73 3.41 -4.45 8.09
N LEU C 74 4.16 -4.39 9.18
CA LEU C 74 3.85 -5.19 10.38
C LEU C 74 2.70 -4.58 11.19
N LYS C 75 1.82 -5.38 11.79
CA LYS C 75 0.65 -4.81 12.42
C LYS C 75 0.43 -5.16 13.88
N GLY C 76 1.51 -5.21 14.66
CA GLY C 76 1.43 -5.63 16.07
C GLY C 76 2.75 -6.28 16.45
N VAL C 77 2.98 -6.50 17.75
CA VAL C 77 4.22 -7.10 18.24
C VAL C 77 3.86 -8.11 19.34
N PRO C 78 4.77 -9.05 19.69
CA PRO C 78 6.03 -9.32 18.98
C PRO C 78 5.89 -10.09 17.66
N GLN C 79 6.80 -9.86 16.74
CA GLN C 79 6.87 -10.68 15.54
C GLN C 79 8.31 -11.03 15.24
N ILE C 80 8.55 -12.28 14.81
CA ILE C 80 9.91 -12.70 14.48
C ILE C 80 10.00 -12.88 12.97
N LEU C 81 10.87 -12.12 12.30
CA LEU C 81 11.01 -12.29 10.82
C LEU C 81 12.31 -13.00 10.55
N TYR C 82 12.28 -13.89 9.56
CA TYR C 82 13.44 -14.70 9.23
C TYR C 82 13.98 -14.32 7.83
N PHE C 83 15.30 -14.33 7.71
CA PHE C 83 16.03 -13.91 6.52
C PHE C 83 17.14 -14.91 6.23
N LYS C 84 17.50 -15.10 4.96
CA LYS C 84 18.80 -15.71 4.60
C LYS C 84 19.15 -15.29 3.19
N ASP C 85 20.40 -14.97 2.95
CA ASP C 85 20.83 -14.53 1.60
C ASP C 85 20.01 -13.33 1.10
N GLY C 86 19.61 -12.44 2.02
CA GLY C 86 18.92 -11.21 1.63
C GLY C 86 17.45 -11.38 1.31
N GLU C 87 16.95 -12.61 1.36
CA GLU C 87 15.53 -12.89 1.16
C GLU C 87 14.75 -12.98 2.50
N TYR C 88 13.51 -12.51 2.47
CA TYR C 88 12.59 -12.55 3.57
C TYR C 88 11.90 -13.92 3.47
N LYS C 89 12.13 -14.77 4.47
CA LYS C 89 11.87 -16.21 4.39
C LYS C 89 10.70 -16.72 5.24
N GLY C 90 10.27 -15.96 6.24
CA GLY C 90 9.20 -16.44 7.12
C GLY C 90 8.93 -15.40 8.17
N LYS C 91 7.76 -15.49 8.77
CA LYS C 91 7.46 -14.63 9.90
C LYS C 91 6.49 -15.37 10.82
N ALA C 93 4.34 -14.70 14.72
CA ALA C 93 3.90 -13.66 15.63
C ALA C 93 3.50 -14.26 16.99
N GLY C 94 3.60 -13.45 18.05
CA GLY C 94 3.01 -13.74 19.34
C GLY C 94 3.88 -14.66 20.14
N ASP C 95 3.24 -15.36 21.04
CA ASP C 95 3.89 -16.23 21.97
C ASP C 95 4.36 -17.46 21.21
N VAL C 96 5.65 -17.56 20.91
CA VAL C 96 6.15 -18.74 20.16
C VAL C 96 6.80 -19.82 21.06
N GLU C 97 6.80 -21.06 20.60
CA GLU C 97 7.41 -22.16 21.32
C GLU C 97 8.76 -22.46 20.72
N ASP C 98 9.70 -22.92 21.54
CA ASP C 98 11.03 -23.21 21.05
C ASP C 98 11.08 -24.12 19.79
N ASP C 99 10.28 -25.20 19.73
CA ASP C 99 10.37 -26.10 18.57
C ASP C 99 9.80 -25.48 17.33
N GLU C 100 8.72 -24.71 17.48
CA GLU C 100 8.29 -23.80 16.41
C GLU C 100 9.41 -22.90 15.82
N VAL C 101 10.14 -22.19 16.69
CA VAL C 101 11.29 -21.36 16.24
C VAL C 101 12.37 -22.29 15.63
N GLU C 102 12.70 -23.36 16.32
CA GLU C 102 13.77 -24.23 15.83
C GLU C 102 13.50 -24.89 14.48
N GLN C 103 12.22 -25.21 14.21
CA GLN C 103 11.80 -25.77 12.93
C GLN C 103 11.94 -24.74 11.83
N ILE C 105 14.13 -22.17 11.83
CA ILE C 105 15.58 -22.02 11.63
C ILE C 105 16.08 -23.10 10.71
N ALA C 106 15.62 -24.32 10.95
CA ALA C 106 15.97 -25.43 10.12
C ALA C 106 15.52 -25.20 8.69
N ASP C 107 14.31 -24.66 8.48
CA ASP C 107 13.76 -24.48 7.15
C ASP C 107 14.50 -23.35 6.40
N VAL C 108 14.97 -22.36 7.14
CA VAL C 108 15.82 -21.33 6.61
C VAL C 108 17.23 -21.92 6.34
N LEU C 109 17.79 -22.64 7.30
CA LEU C 109 19.16 -23.11 7.15
C LEU C 109 19.42 -24.08 6.00
N GLU C 110 18.45 -24.91 5.67
CA GLU C 110 18.61 -25.77 4.50
C GLU C 110 18.06 -25.15 3.19
N ASP C 111 17.22 -24.11 3.32
CA ASP C 111 16.66 -23.36 2.18
C ASP C 111 15.71 -24.22 1.36
N ASN D 2 -2.81 -18.19 -19.17
CA ASN D 2 -2.10 -19.18 -18.31
C ASN D 2 -2.94 -19.64 -17.08
N ALA D 3 -3.33 -18.71 -16.18
CA ALA D 3 -3.97 -19.04 -14.89
C ALA D 3 -5.52 -19.21 -14.94
N SER D 5 -8.09 -21.01 -12.27
CA SER D 5 -8.74 -20.56 -11.05
C SER D 5 -7.83 -19.64 -10.27
N LEU D 6 -6.59 -19.46 -10.74
CA LEU D 6 -5.67 -18.54 -10.03
C LEU D 6 -6.15 -17.11 -10.06
N GLU D 7 -6.37 -16.58 -8.88
CA GLU D 7 -6.96 -15.25 -8.72
C GLU D 7 -5.82 -14.25 -8.52
N LYS D 8 -5.76 -13.24 -9.36
CA LYS D 8 -4.74 -12.19 -9.26
C LYS D 8 -5.01 -11.26 -8.09
N LEU D 9 -3.97 -10.98 -7.30
CA LEU D 9 -4.09 -10.04 -6.20
C LEU D 9 -3.29 -8.80 -6.51
N ASP D 10 -3.80 -7.63 -6.13
CA ASP D 10 -2.95 -6.46 -6.00
C ASP D 10 -2.54 -6.25 -4.56
N THR D 11 -1.65 -5.28 -4.32
CA THR D 11 -1.15 -5.04 -2.97
C THR D 11 -2.28 -4.83 -1.95
N ASN D 12 -3.30 -4.04 -2.31
CA ASN D 12 -4.45 -3.83 -1.43
C ASN D 12 -5.16 -5.11 -1.00
N THR D 13 -5.45 -5.97 -1.97
CA THR D 13 -6.17 -7.20 -1.70
C THR D 13 -5.30 -8.23 -0.97
N PHE D 14 -4.01 -8.25 -1.31
CA PHE D 14 -3.06 -9.12 -0.61
C PHE D 14 -3.07 -8.82 0.90
N GLU D 15 -2.86 -7.55 1.26
CA GLU D 15 -2.88 -7.08 2.66
C GLU D 15 -4.17 -7.45 3.40
N GLN D 16 -5.30 -7.13 2.77
CA GLN D 16 -6.62 -7.43 3.31
C GLN D 16 -6.84 -8.95 3.55
N LEU D 17 -6.67 -9.77 2.53
CA LEU D 17 -6.85 -11.20 2.66
C LEU D 17 -5.91 -11.84 3.71
N ILE D 18 -4.63 -11.57 3.58
CA ILE D 18 -3.59 -12.26 4.37
C ILE D 18 -3.41 -11.74 5.81
N TYR D 19 -3.47 -10.42 5.95
CA TYR D 19 -3.19 -9.77 7.22
C TYR D 19 -4.44 -9.39 8.02
N ASP D 20 -5.46 -8.85 7.36
CA ASP D 20 -6.68 -8.43 8.03
C ASP D 20 -7.58 -9.61 8.36
N GLU D 21 -7.60 -10.62 7.49
CA GLU D 21 -8.45 -11.79 7.69
C GLU D 21 -7.68 -13.08 8.07
N GLY D 22 -6.35 -13.01 8.12
CA GLY D 22 -5.53 -14.20 8.41
C GLY D 22 -5.74 -15.43 7.50
N LYS D 23 -6.09 -15.18 6.23
CA LYS D 23 -6.44 -16.20 5.22
C LYS D 23 -5.34 -17.23 5.08
N ALA D 24 -5.68 -18.51 5.17
CA ALA D 24 -4.78 -19.59 4.84
C ALA D 24 -4.72 -19.77 3.31
N CYS D 25 -3.57 -19.50 2.72
CA CYS D 25 -3.49 -19.49 1.26
C CYS D 25 -2.05 -19.62 0.82
N LEU D 26 -1.84 -19.77 -0.49
CA LEU D 26 -0.52 -19.62 -1.11
C LEU D 26 -0.61 -18.54 -2.16
N VAL D 27 0.52 -17.93 -2.42
CA VAL D 27 0.58 -16.83 -3.36
C VAL D 27 1.77 -17.03 -4.29
N PHE D 29 4.25 -15.67 -6.97
CA PHE D 29 4.80 -14.45 -7.54
C PHE D 29 5.35 -14.79 -8.92
N SER D 30 4.86 -14.11 -9.94
CA SER D 30 5.07 -14.57 -11.30
C SER D 30 5.28 -13.41 -12.25
N ARG D 31 5.61 -13.74 -13.49
CA ARG D 31 5.88 -12.75 -14.52
CA ARG D 31 5.88 -12.74 -14.52
C ARG D 31 5.31 -13.27 -15.83
N LYS D 32 4.98 -12.37 -16.75
CA LYS D 32 4.56 -12.78 -18.11
C LYS D 32 5.74 -13.47 -18.78
N ASN D 33 5.49 -14.34 -19.74
CA ASN D 33 6.58 -14.87 -20.61
C ASN D 33 7.60 -15.68 -19.83
N CYS D 34 7.14 -16.57 -18.99
CA CYS D 34 8.07 -17.22 -18.09
C CYS D 34 7.80 -18.71 -18.14
N HIS D 35 8.76 -19.47 -18.67
CA HIS D 35 8.54 -20.90 -18.93
C HIS D 35 8.31 -21.71 -17.63
N VAL D 36 9.05 -21.35 -16.59
CA VAL D 36 8.87 -22.04 -15.32
C VAL D 36 7.49 -21.72 -14.71
N CYS D 37 7.12 -20.44 -14.69
CA CYS D 37 5.76 -20.03 -14.30
C CYS D 37 4.71 -20.85 -15.02
N GLN D 38 4.87 -21.04 -16.32
CA GLN D 38 3.98 -21.86 -17.14
C GLN D 38 3.91 -23.34 -16.73
N LYS D 39 4.98 -23.90 -16.16
CA LYS D 39 4.91 -25.28 -15.65
C LYS D 39 4.31 -25.33 -14.23
N VAL D 40 4.55 -24.31 -13.42
CA VAL D 40 4.06 -24.29 -12.02
C VAL D 40 2.54 -24.06 -11.90
N THR D 41 2.04 -23.13 -12.72
CA THR D 41 0.62 -22.78 -12.70
C THR D 41 -0.32 -24.00 -12.80
N PRO D 42 -0.10 -24.89 -13.79
CA PRO D 42 -0.92 -26.10 -13.89
C PRO D 42 -0.86 -26.97 -12.69
N VAL D 43 0.30 -26.98 -12.01
CA VAL D 43 0.43 -27.73 -10.77
C VAL D 43 -0.52 -27.14 -9.67
N LEU D 44 -0.49 -25.81 -9.48
CA LEU D 44 -1.47 -25.16 -8.59
C LEU D 44 -2.93 -25.27 -9.08
N GLU D 45 -3.18 -25.17 -10.38
CA GLU D 45 -4.54 -25.32 -10.90
CA GLU D 45 -4.56 -25.30 -10.87
C GLU D 45 -5.13 -26.69 -10.56
N GLU D 46 -4.36 -27.74 -10.81
CA GLU D 46 -4.76 -29.10 -10.45
C GLU D 46 -5.10 -29.26 -8.93
N LEU D 47 -4.21 -28.79 -8.07
CA LEU D 47 -4.35 -28.91 -6.61
C LEU D 47 -5.53 -28.13 -5.97
N ARG D 48 -5.83 -26.97 -6.53
CA ARG D 48 -6.92 -26.11 -6.14
C ARG D 48 -8.21 -26.91 -5.97
N LEU D 49 -8.42 -27.87 -6.87
CA LEU D 49 -9.60 -28.73 -6.80
C LEU D 49 -9.72 -29.52 -5.51
N ASN D 50 -8.58 -29.84 -4.90
CA ASN D 50 -8.56 -30.65 -3.65
C ASN D 50 -8.83 -29.84 -2.39
N TYR D 51 -8.91 -28.50 -2.49
CA TYR D 51 -9.19 -27.60 -1.34
C TYR D 51 -10.46 -26.75 -1.50
N GLU D 52 -11.17 -26.57 -0.40
CA GLU D 52 -12.25 -25.59 -0.35
C GLU D 52 -11.79 -24.14 -0.58
N GLU D 53 -12.73 -23.27 -0.95
CA GLU D 53 -12.41 -21.86 -1.27
C GLU D 53 -11.84 -21.08 -0.06
N SER D 54 -12.08 -21.63 1.13
CA SER D 54 -11.34 -21.28 2.35
C SER D 54 -9.82 -21.12 2.10
N PHE D 55 -9.17 -22.12 1.47
CA PHE D 55 -7.71 -22.05 1.19
C PHE D 55 -7.51 -21.43 -0.16
N GLY D 56 -6.78 -20.33 -0.19
CA GLY D 56 -6.73 -19.50 -1.36
C GLY D 56 -5.53 -19.88 -2.17
N PHE D 57 -5.69 -19.77 -3.47
CA PHE D 57 -4.59 -19.98 -4.39
C PHE D 57 -4.57 -18.69 -5.21
N TYR D 58 -3.54 -17.91 -5.00
CA TYR D 58 -3.52 -16.58 -5.62
C TYR D 58 -2.30 -16.42 -6.46
N TYR D 59 -2.29 -15.45 -7.36
CA TYR D 59 -1.00 -15.02 -7.88
C TYR D 59 -0.83 -13.50 -7.90
N VAL D 60 0.42 -13.11 -7.95
CA VAL D 60 0.79 -11.71 -8.07
C VAL D 60 1.73 -11.58 -9.24
N ASP D 61 1.43 -10.62 -10.08
CA ASP D 61 2.32 -10.24 -11.16
C ASP D 61 3.42 -9.28 -10.64
N VAL D 62 4.68 -9.73 -10.68
CA VAL D 62 5.76 -8.93 -10.12
C VAL D 62 6.05 -7.62 -10.85
N GLU D 63 5.57 -7.49 -12.09
CA GLU D 63 5.69 -6.21 -12.87
C GLU D 63 4.69 -5.14 -12.42
N GLU D 64 3.48 -5.55 -12.06
CA GLU D 64 2.44 -4.62 -11.64
C GLU D 64 2.50 -4.37 -10.15
N GLU D 65 2.96 -5.36 -9.40
CA GLU D 65 3.04 -5.23 -7.96
C GLU D 65 4.50 -5.22 -7.44
N LYS D 66 5.32 -4.31 -8.00
CA LYS D 66 6.75 -4.27 -7.72
C LYS D 66 7.10 -4.07 -6.23
N THR D 67 6.43 -3.13 -5.56
CA THR D 67 6.79 -2.90 -4.16
C THR D 67 6.43 -4.07 -3.25
N LEU D 68 5.31 -4.72 -3.51
CA LEU D 68 4.99 -5.95 -2.78
C LEU D 68 6.09 -6.98 -2.97
N PHE D 69 6.44 -7.23 -4.23
CA PHE D 69 7.46 -8.22 -4.57
C PHE D 69 8.75 -7.81 -3.88
N GLN D 70 9.11 -6.53 -3.98
CA GLN D 70 10.30 -5.98 -3.30
C GLN D 70 10.35 -6.11 -1.77
N ARG D 71 9.19 -6.00 -1.13
CA ARG D 71 9.12 -6.22 0.31
C ARG D 71 9.77 -7.58 0.71
N PHE D 72 9.52 -8.65 -0.06
CA PHE D 72 10.09 -9.97 0.24
C PHE D 72 11.54 -10.22 -0.26
N SER D 73 12.08 -9.25 -1.01
CA SER D 73 13.42 -9.33 -1.60
C SER D 73 13.79 -10.71 -2.13
N LEU D 74 12.93 -11.26 -3.00
CA LEU D 74 13.08 -12.60 -3.59
C LEU D 74 14.01 -12.53 -4.80
N LYS D 75 14.82 -13.56 -4.96
CA LYS D 75 15.77 -13.71 -6.08
C LYS D 75 15.18 -14.72 -7.04
N GLY D 76 14.63 -14.22 -8.15
CA GLY D 76 14.16 -15.04 -9.22
C GLY D 76 12.68 -15.31 -9.12
N VAL D 77 12.06 -15.60 -10.25
CA VAL D 77 10.65 -16.07 -10.26
C VAL D 77 10.57 -17.37 -11.04
N PRO D 78 9.53 -18.20 -10.79
CA PRO D 78 8.46 -17.97 -9.79
C PRO D 78 8.85 -18.20 -8.35
N GLN D 79 8.04 -17.70 -7.41
CA GLN D 79 8.15 -18.04 -5.99
C GLN D 79 6.73 -18.26 -5.50
N ILE D 80 6.55 -19.26 -4.65
CA ILE D 80 5.28 -19.46 -3.98
C ILE D 80 5.49 -19.25 -2.48
N LEU D 81 4.76 -18.28 -1.94
CA LEU D 81 4.80 -17.97 -0.51
C LEU D 81 3.53 -18.47 0.17
N TYR D 82 3.67 -18.94 1.41
CA TYR D 82 2.53 -19.55 2.10
C TYR D 82 2.19 -18.75 3.35
N PHE D 83 0.89 -18.58 3.57
CA PHE D 83 0.40 -17.76 4.71
C PHE D 83 -0.71 -18.43 5.46
N LYS D 84 -0.91 -17.98 6.70
CA LYS D 84 -2.04 -18.37 7.56
C LYS D 84 -2.01 -17.54 8.83
N ASP D 85 -3.20 -17.07 9.21
CA ASP D 85 -3.41 -16.24 10.40
C ASP D 85 -2.45 -15.07 10.48
N GLY D 86 -2.10 -14.52 9.32
CA GLY D 86 -1.22 -13.35 9.29
C GLY D 86 0.26 -13.71 9.37
N GLU D 87 0.57 -14.98 9.61
CA GLU D 87 1.97 -15.46 9.60
C GLU D 87 2.43 -15.86 8.21
N TYR D 88 3.72 -15.64 7.95
CA TYR D 88 4.37 -16.01 6.71
C TYR D 88 5.13 -17.31 7.02
N LYS D 89 4.57 -18.42 6.48
CA LYS D 89 4.99 -19.77 6.88
C LYS D 89 6.24 -20.24 6.14
N GLY D 90 6.48 -19.70 4.95
CA GLY D 90 7.71 -20.00 4.23
C GLY D 90 7.39 -19.94 2.76
N LYS D 91 8.38 -20.27 1.92
CA LYS D 91 8.25 -20.13 0.48
C LYS D 91 9.00 -21.21 -0.27
N ALA D 93 10.80 -21.76 -4.36
CA ALA D 93 11.17 -20.97 -5.54
C ALA D 93 11.49 -21.87 -6.72
N GLY D 94 11.22 -21.39 -7.93
CA GLY D 94 11.52 -22.12 -9.13
C GLY D 94 10.48 -23.20 -9.36
N ASP D 95 10.86 -24.20 -10.13
CA ASP D 95 9.97 -25.28 -10.48
C ASP D 95 9.66 -26.08 -9.22
N VAL D 96 8.41 -26.52 -9.08
CA VAL D 96 7.98 -27.22 -7.87
C VAL D 96 7.15 -28.41 -8.28
N GLU D 97 7.20 -29.45 -7.46
CA GLU D 97 6.34 -30.61 -7.59
C GLU D 97 5.08 -30.43 -6.78
N ASP D 98 4.04 -31.10 -7.21
CA ASP D 98 2.78 -31.10 -6.50
C ASP D 98 2.83 -31.74 -5.07
N ASP D 99 3.65 -32.79 -4.85
CA ASP D 99 3.81 -33.33 -3.48
C ASP D 99 4.49 -32.36 -2.52
N GLU D 100 5.46 -31.61 -3.01
CA GLU D 100 6.10 -30.52 -2.28
C GLU D 100 5.05 -29.47 -1.86
N VAL D 101 4.32 -28.91 -2.84
CA VAL D 101 3.22 -27.99 -2.53
C VAL D 101 2.20 -28.66 -1.53
N GLU D 102 1.73 -29.84 -1.85
CA GLU D 102 0.74 -30.52 -0.95
C GLU D 102 1.22 -30.63 0.48
N GLN D 103 2.49 -30.98 0.67
CA GLN D 103 3.05 -31.21 2.02
C GLN D 103 3.14 -29.89 2.79
N ILE D 105 1.11 -27.25 2.24
CA ILE D 105 -0.31 -26.91 2.52
C ILE D 105 -0.83 -27.61 3.79
N ALA D 106 -0.46 -28.88 3.95
CA ALA D 106 -0.80 -29.67 5.13
C ALA D 106 -0.16 -29.07 6.39
N ASP D 107 1.12 -28.71 6.33
CA ASP D 107 1.84 -28.17 7.47
C ASP D 107 1.19 -26.88 7.92
N VAL D 108 0.94 -26.03 6.92
CA VAL D 108 0.33 -24.75 7.12
C VAL D 108 -1.00 -24.95 7.83
N LEU D 109 -1.80 -25.90 7.38
CA LEU D 109 -3.09 -26.13 7.99
C LEU D 109 -3.04 -26.81 9.37
N GLU D 110 -1.91 -27.41 9.74
CA GLU D 110 -1.83 -28.23 10.97
C GLU D 110 -1.50 -27.42 12.23
N ASP D 111 -1.19 -26.12 12.05
CA ASP D 111 -1.07 -25.14 13.15
C ASP D 111 -0.23 -25.65 14.34
#